data_1FOK
#
_entry.id   1FOK
#
_cell.length_a   65.590
_cell.length_b   119.340
_cell.length_c   71.520
_cell.angle_alpha   90.00
_cell.angle_beta   101.42
_cell.angle_gamma   90.00
#
_symmetry.space_group_name_H-M   'P 1 21 1'
#
loop_
_entity.id
_entity.type
_entity.pdbx_description
1 polymer "DNA (5'-D(*TP*CP*GP*GP*AP*TP*GP*AP*TP*AP*AP*CP*GP*CP*TP*AP*G P*TP*CP*A)-3')"
2 polymer "DNA (5'-D(*AP*TP*GP*AP*CP*TP*AP*GP*CP*GP*TP*TP*AP*TP*CP*AP*T P*CP*CP*G)-3')"
3 polymer 'PROTEIN (FOKI RESTRICTION ENDONUCLEASE)'
4 water water
#
loop_
_entity_poly.entity_id
_entity_poly.type
_entity_poly.pdbx_seq_one_letter_code
_entity_poly.pdbx_strand_id
1 'polydeoxyribonucleotide' (DT)(DC)(DG)(DG)(DA)(DT)(DG)(DA)(DT)(DA)(DA)(DC)(DG)(DC)(DT)(DA)(DG)(DT)(DC)(DA) B
2 'polydeoxyribonucleotide' (DA)(DT)(DG)(DA)(DC)(DT)(DA)(DG)(DC)(DG)(DT)(DT)(DA)(DT)(DC)(DA)(DT)(DC)(DC)(DG) C
3 'polypeptide(L)'
;KIRTFGWVQNPGKFENLKRVVQVFDRNSKVHNEVKNIKIPTLVKESKIQKELVAIMNQHDLIYTYKELVGTGTSIRSEAP
CDAIIQATIADQGNKKGYIDNWSSDGFLRWAHALGFIEYINKSDSFVITDVGLAYSKSADGSAIEKEILIEAISSYPPAI
RILTLLEDGQHLTKFDLGKNLGFSGESGFTSLPEGILLDTLANAMPKDKGEIRNNWEGSSDKYARMIGGWLDKLGLVKQG
KKEFIIPTLGKPDNKEFISHAFKITGEGLKVLRRAKGSTKFTRVPKRVYWEMLATNLTDKEYVRTRRALILEILIKAGSL
KIEQIQDNLKKLGFDEVIETIENDIKGLINTGIFIEIKGRFYQLKDHILQFVIPNRGVTKQLVKSELEEKKSELRHKLKY
VPHEYIELIEIARNSTQDRILEMKVMEFFMKVYGYRGKHLGGSRKPDGAIYTVGSPIDYGVIVDTKAYSGGYNLPIGQAD
EMQRYVEENQTRNKHINPNEWWKVYPSSVTEFKFLFVSGHFKGNYKAQLTRLNHITNCNGAVLSVEELLIGGEMIKAGTL
TLEEVRRKFNNGEINF
;
A
#
loop_
_chem_comp.id
_chem_comp.type
_chem_comp.name
_chem_comp.formula
DA DNA linking 2'-DEOXYADENOSINE-5'-MONOPHOSPHATE 'C10 H14 N5 O6 P'
DC DNA linking 2'-DEOXYCYTIDINE-5'-MONOPHOSPHATE 'C9 H14 N3 O7 P'
DG DNA linking 2'-DEOXYGUANOSINE-5'-MONOPHOSPHATE 'C10 H14 N5 O7 P'
DT DNA linking THYMIDINE-5'-MONOPHOSPHATE 'C10 H15 N2 O8 P'
#
# COMPACT_ATOMS: atom_id res chain seq x y z
N LYS C 1 -22.30 -0.51 5.06
CA LYS C 1 -22.01 -1.10 6.38
C LYS C 1 -20.54 -0.90 6.57
N ILE C 2 -19.73 -1.89 6.22
CA ILE C 2 -18.28 -1.73 6.36
C ILE C 2 -17.83 -0.83 5.22
N ARG C 3 -17.12 0.22 5.57
CA ARG C 3 -16.61 1.14 4.59
C ARG C 3 -15.15 1.39 4.93
N THR C 4 -14.43 2.03 4.02
CA THR C 4 -13.05 2.40 4.24
C THR C 4 -12.99 3.93 4.05
N PHE C 5 -12.57 4.63 5.11
CA PHE C 5 -12.42 6.09 5.14
C PHE C 5 -11.00 6.32 5.64
N GLY C 6 -10.54 7.56 5.61
CA GLY C 6 -9.23 7.84 6.14
C GLY C 6 -8.07 7.88 5.17
N TRP C 7 -8.12 7.05 4.15
CA TRP C 7 -7.07 7.01 3.13
C TRP C 7 -7.68 7.47 1.81
N VAL C 8 -7.03 8.46 1.20
CA VAL C 8 -7.47 9.08 -0.05
C VAL C 8 -6.48 8.88 -1.23
N GLN C 9 -6.91 8.17 -2.27
CA GLN C 9 -6.06 7.87 -3.44
C GLN C 9 -5.88 8.93 -4.55
N ASN C 10 -6.91 9.14 -5.37
CA ASN C 10 -6.88 10.05 -6.50
C ASN C 10 -6.83 11.60 -6.33
N PRO C 11 -7.84 12.21 -5.67
CA PRO C 11 -7.96 13.66 -5.44
C PRO C 11 -6.76 14.50 -5.10
N GLY C 12 -6.60 15.57 -5.89
CA GLY C 12 -5.48 16.48 -5.73
C GLY C 12 -5.79 17.96 -5.77
N LYS C 13 -6.92 18.34 -6.34
CA LYS C 13 -7.33 19.75 -6.39
C LYS C 13 -8.23 20.19 -5.21
N PHE C 14 -7.76 21.17 -4.44
CA PHE C 14 -8.53 21.71 -3.31
C PHE C 14 -9.70 22.45 -3.98
N GLU C 15 -9.38 22.96 -5.15
CA GLU C 15 -10.29 23.70 -5.97
C GLU C 15 -11.56 22.87 -6.05
N ASN C 16 -11.43 21.55 -6.18
CA ASN C 16 -12.59 20.64 -6.28
C ASN C 16 -13.07 20.09 -4.95
N LEU C 17 -12.24 20.16 -3.94
CA LEU C 17 -12.67 19.69 -2.64
C LEU C 17 -13.83 20.60 -2.24
N LYS C 18 -13.62 21.90 -2.42
CA LYS C 18 -14.62 22.92 -2.10
C LYS C 18 -15.95 22.65 -2.77
N ARG C 19 -15.96 22.51 -4.09
CA ARG C 19 -17.20 22.24 -4.82
C ARG C 19 -17.95 21.09 -4.17
N VAL C 20 -17.22 20.06 -3.76
CA VAL C 20 -17.84 18.91 -3.10
C VAL C 20 -18.37 19.22 -1.70
N VAL C 21 -17.71 20.12 -0.98
CA VAL C 21 -18.19 20.45 0.35
C VAL C 21 -19.45 21.30 0.21
N GLN C 22 -19.38 22.27 -0.70
CA GLN C 22 -20.45 23.19 -0.98
C GLN C 22 -21.77 22.54 -1.44
N VAL C 23 -21.67 21.48 -2.22
CA VAL C 23 -22.87 20.76 -2.63
C VAL C 23 -23.70 20.38 -1.35
N PHE C 24 -23.10 20.48 -0.16
CA PHE C 24 -23.77 20.16 1.11
C PHE C 24 -24.34 21.39 1.85
N ASP C 25 -24.09 22.59 1.32
CA ASP C 25 -24.55 23.86 1.94
C ASP C 25 -25.56 24.52 1.04
N ARG C 26 -26.83 24.27 1.34
CA ARG C 26 -27.95 24.82 0.60
C ARG C 26 -27.73 26.25 0.09
N ASN C 27 -27.14 27.10 0.90
CA ASN C 27 -26.91 28.50 0.53
C ASN C 27 -25.73 28.88 -0.37
N SER C 28 -25.05 27.89 -0.95
CA SER C 28 -23.90 28.20 -1.80
C SER C 28 -24.21 28.16 -3.28
N LYS C 29 -23.45 28.95 -4.01
CA LYS C 29 -23.60 29.03 -5.45
C LYS C 29 -23.45 27.66 -6.11
N VAL C 30 -22.49 26.84 -5.67
CA VAL C 30 -22.30 25.53 -6.30
C VAL C 30 -23.45 24.56 -6.03
N HIS C 31 -24.00 24.59 -4.81
CA HIS C 31 -25.13 23.72 -4.47
C HIS C 31 -26.14 23.96 -5.55
N ASN C 32 -26.38 25.24 -5.78
CA ASN C 32 -27.29 25.76 -6.78
C ASN C 32 -26.96 25.13 -8.14
N GLU C 33 -25.80 25.49 -8.66
CA GLU C 33 -25.33 25.00 -9.96
C GLU C 33 -25.37 23.51 -10.21
N VAL C 34 -24.87 22.73 -9.28
CA VAL C 34 -24.87 21.30 -9.49
C VAL C 34 -26.28 20.79 -9.62
N LYS C 35 -27.14 21.26 -8.74
CA LYS C 35 -28.54 20.87 -8.69
C LYS C 35 -29.41 21.35 -9.87
N ASN C 36 -29.23 22.61 -10.25
CA ASN C 36 -29.98 23.23 -11.36
C ASN C 36 -29.44 23.01 -12.74
N ILE C 37 -28.15 22.79 -12.84
CA ILE C 37 -27.55 22.62 -14.14
C ILE C 37 -26.91 21.25 -14.30
N LYS C 38 -25.79 21.06 -13.62
CA LYS C 38 -25.04 19.83 -13.73
C LYS C 38 -25.91 18.59 -13.73
N ILE C 39 -26.65 18.36 -12.67
CA ILE C 39 -27.45 17.15 -12.63
C ILE C 39 -28.45 17.01 -13.76
N PRO C 40 -29.41 17.94 -13.88
CA PRO C 40 -30.37 17.79 -14.98
C PRO C 40 -29.77 17.64 -16.40
N THR C 41 -28.65 18.31 -16.70
CA THR C 41 -28.10 18.14 -18.02
C THR C 41 -27.16 16.94 -18.22
N LEU C 42 -26.62 16.36 -17.15
CA LEU C 42 -25.73 15.22 -17.33
C LEU C 42 -26.20 13.82 -16.95
N VAL C 43 -27.14 13.72 -16.03
CA VAL C 43 -27.63 12.41 -15.61
C VAL C 43 -28.67 12.02 -16.63
N LYS C 44 -28.28 11.18 -17.57
CA LYS C 44 -29.20 10.78 -18.61
C LYS C 44 -30.40 10.02 -18.06
N GLU C 45 -30.20 9.10 -17.11
CA GLU C 45 -31.34 8.35 -16.58
C GLU C 45 -32.36 9.27 -15.93
N SER C 46 -33.53 9.39 -16.57
CA SER C 46 -34.64 10.25 -16.13
C SER C 46 -35.09 10.04 -14.69
N LYS C 47 -35.32 8.78 -14.34
CA LYS C 47 -35.75 8.45 -13.00
C LYS C 47 -34.79 9.07 -11.99
N ILE C 48 -33.52 8.67 -12.05
CA ILE C 48 -32.46 9.17 -11.15
C ILE C 48 -32.28 10.68 -11.25
N GLN C 49 -32.19 11.17 -12.47
CA GLN C 49 -32.02 12.57 -12.75
C GLN C 49 -32.92 13.39 -11.83
N LYS C 50 -34.21 13.08 -11.89
CA LYS C 50 -35.19 13.76 -11.05
C LYS C 50 -34.94 13.50 -9.56
N GLU C 51 -34.89 12.22 -9.16
CA GLU C 51 -34.64 11.86 -7.75
C GLU C 51 -33.56 12.69 -7.03
N LEU C 52 -32.41 12.87 -7.67
CA LEU C 52 -31.30 13.63 -7.08
C LEU C 52 -31.56 15.09 -6.97
N VAL C 53 -32.06 15.68 -8.05
CA VAL C 53 -32.37 17.09 -8.02
C VAL C 53 -33.19 17.33 -6.80
N ALA C 54 -34.09 16.38 -6.53
CA ALA C 54 -34.98 16.39 -5.39
C ALA C 54 -34.25 16.34 -4.05
N ILE C 55 -33.46 15.29 -3.80
CA ILE C 55 -32.69 15.17 -2.56
C ILE C 55 -31.95 16.45 -2.28
N MET C 56 -31.45 17.10 -3.31
CA MET C 56 -30.73 18.34 -3.12
C MET C 56 -31.58 19.51 -2.71
N ASN C 57 -32.91 19.36 -2.84
CA ASN C 57 -33.89 20.40 -2.49
C ASN C 57 -34.45 20.35 -1.06
N GLN C 58 -34.21 19.25 -0.35
CA GLN C 58 -34.67 19.13 1.01
C GLN C 58 -34.13 20.27 1.89
N HIS C 59 -34.72 20.43 3.07
CA HIS C 59 -34.34 21.49 3.99
C HIS C 59 -33.03 21.14 4.68
N ASP C 60 -32.99 19.93 5.25
CA ASP C 60 -31.82 19.45 5.94
C ASP C 60 -31.09 18.51 5.01
N LEU C 61 -30.09 19.04 4.33
CA LEU C 61 -29.29 18.28 3.37
C LEU C 61 -28.56 17.09 4.00
N ILE C 62 -28.90 15.91 3.49
CA ILE C 62 -28.35 14.65 3.94
C ILE C 62 -28.37 13.77 2.68
N TYR C 63 -27.21 13.25 2.28
CA TYR C 63 -27.14 12.39 1.08
C TYR C 63 -26.56 11.04 1.43
N THR C 64 -27.00 9.97 0.80
CA THR C 64 -26.43 8.68 1.17
C THR C 64 -25.14 8.43 0.40
N TYR C 65 -24.43 7.37 0.76
CA TYR C 65 -23.21 7.04 0.05
C TYR C 65 -23.54 6.91 -1.45
N LYS C 66 -24.50 6.06 -1.80
CA LYS C 66 -24.91 5.88 -3.20
C LYS C 66 -25.32 7.18 -3.92
N GLU C 67 -26.09 8.04 -3.27
CA GLU C 67 -26.52 9.29 -3.92
C GLU C 67 -25.36 10.18 -4.33
N LEU C 68 -24.27 10.14 -3.55
CA LEU C 68 -23.08 10.93 -3.82
C LEU C 68 -22.08 10.22 -4.76
N VAL C 69 -21.95 8.90 -4.63
CA VAL C 69 -20.98 8.12 -5.40
C VAL C 69 -21.53 7.42 -6.64
N GLY C 70 -22.68 6.81 -6.56
CA GLY C 70 -23.20 6.14 -7.75
C GLY C 70 -22.44 4.88 -8.06
N THR C 71 -22.44 4.49 -9.33
CA THR C 71 -21.78 3.27 -9.85
C THR C 71 -20.94 3.55 -11.10
N GLY C 72 -20.28 2.51 -11.62
CA GLY C 72 -19.44 2.69 -12.79
C GLY C 72 -19.45 1.42 -13.60
N THR C 73 -18.94 1.51 -14.83
CA THR C 73 -18.93 0.37 -15.77
C THR C 73 -17.57 -0.35 -15.87
N SER C 74 -17.57 -1.57 -16.39
CA SER C 74 -16.31 -2.28 -16.54
C SER C 74 -15.48 -1.53 -17.57
N ILE C 75 -16.09 -1.13 -18.66
CA ILE C 75 -15.39 -0.37 -19.69
C ILE C 75 -15.61 1.09 -19.30
N ARG C 76 -14.70 1.64 -18.50
CA ARG C 76 -14.84 3.00 -18.01
C ARG C 76 -15.31 4.10 -18.97
N SER C 77 -15.09 3.92 -20.27
CA SER C 77 -15.49 4.93 -21.24
C SER C 77 -16.98 4.98 -21.51
N GLU C 78 -17.66 3.85 -21.28
CA GLU C 78 -19.10 3.75 -21.53
C GLU C 78 -19.95 4.01 -20.30
N ALA C 79 -19.43 4.71 -19.31
CA ALA C 79 -20.20 4.94 -18.10
C ALA C 79 -21.06 6.20 -18.16
N PRO C 80 -22.27 6.13 -17.56
CA PRO C 80 -23.25 7.22 -17.47
C PRO C 80 -22.97 7.99 -16.19
N CYS C 81 -23.71 9.07 -15.97
CA CYS C 81 -23.53 9.86 -14.75
C CYS C 81 -24.69 9.57 -13.82
N ASP C 82 -24.45 8.76 -12.79
CA ASP C 82 -25.45 8.36 -11.82
C ASP C 82 -25.41 8.98 -10.43
N ALA C 83 -24.66 10.06 -10.20
CA ALA C 83 -24.60 10.60 -8.84
C ALA C 83 -24.18 12.02 -8.69
N ILE C 84 -24.48 12.54 -7.51
CA ILE C 84 -24.19 13.92 -7.14
C ILE C 84 -22.75 14.35 -7.33
N ILE C 85 -21.80 13.63 -6.70
CA ILE C 85 -20.38 14.00 -6.80
C ILE C 85 -19.84 13.94 -8.25
N GLN C 86 -20.12 12.82 -8.95
CA GLN C 86 -19.69 12.60 -10.34
C GLN C 86 -19.99 13.87 -11.09
N ALA C 87 -21.28 14.21 -11.07
CA ALA C 87 -21.84 15.38 -11.73
C ALA C 87 -21.20 16.69 -11.34
N THR C 88 -20.73 16.79 -10.11
CA THR C 88 -20.08 18.01 -9.61
C THR C 88 -18.70 18.28 -10.26
N ILE C 89 -17.86 17.24 -10.38
CA ILE C 89 -16.50 17.35 -10.94
C ILE C 89 -16.26 16.84 -12.38
N ALA C 90 -15.39 17.55 -13.09
CA ALA C 90 -15.07 17.27 -14.47
C ALA C 90 -13.85 16.40 -14.78
N ASP C 91 -13.94 15.65 -15.89
CA ASP C 91 -12.90 14.76 -16.39
C ASP C 91 -11.62 15.52 -16.60
N GLN C 92 -10.55 14.74 -16.82
CA GLN C 92 -9.29 15.40 -17.04
C GLN C 92 -9.32 16.19 -18.33
N GLY C 93 -9.95 15.63 -19.36
CA GLY C 93 -10.00 16.37 -20.60
C GLY C 93 -11.40 16.69 -21.06
N ASN C 94 -12.36 16.59 -20.14
CA ASN C 94 -13.76 16.81 -20.46
C ASN C 94 -14.24 15.76 -21.45
N LYS C 95 -13.67 14.56 -21.37
CA LYS C 95 -14.05 13.44 -22.23
C LYS C 95 -15.55 13.20 -22.10
N LYS C 96 -15.99 13.16 -20.85
CA LYS C 96 -17.39 13.04 -20.43
C LYS C 96 -17.37 14.33 -19.65
N GLY C 97 -18.47 14.77 -19.09
CA GLY C 97 -18.35 16.02 -18.35
C GLY C 97 -18.33 15.71 -16.88
N TYR C 98 -18.03 14.47 -16.54
CA TYR C 98 -18.07 14.06 -15.16
C TYR C 98 -17.04 13.02 -14.75
N ILE C 99 -16.82 12.92 -13.45
CA ILE C 99 -15.87 11.99 -12.86
C ILE C 99 -16.56 10.66 -12.46
N ASP C 100 -15.80 9.55 -12.44
CA ASP C 100 -16.33 8.20 -12.10
C ASP C 100 -16.56 7.91 -10.62
N ASN C 101 -17.16 6.77 -10.34
CA ASN C 101 -17.48 6.41 -8.96
C ASN C 101 -16.29 6.36 -8.07
N TRP C 102 -15.15 5.92 -8.62
CA TRP C 102 -13.94 5.83 -7.84
C TRP C 102 -13.46 7.22 -7.44
N SER C 103 -13.17 8.09 -8.39
CA SER C 103 -12.69 9.41 -8.03
C SER C 103 -13.69 10.07 -7.09
N SER C 104 -14.98 9.81 -7.31
CA SER C 104 -16.03 10.40 -6.48
C SER C 104 -15.94 9.94 -5.04
N ASP C 105 -15.75 8.65 -4.87
CA ASP C 105 -15.56 8.09 -3.56
C ASP C 105 -14.34 8.80 -2.97
N GLY C 106 -13.36 9.08 -3.84
CA GLY C 106 -12.17 9.77 -3.41
C GLY C 106 -12.45 11.11 -2.77
N PHE C 107 -13.22 11.98 -3.45
CA PHE C 107 -13.55 13.29 -2.88
C PHE C 107 -14.34 13.18 -1.58
N LEU C 108 -15.18 12.17 -1.49
CA LEU C 108 -15.93 11.90 -0.29
C LEU C 108 -14.92 11.62 0.84
N ARG C 109 -14.05 10.62 0.66
CA ARG C 109 -13.02 10.27 1.67
C ARG C 109 -12.19 11.46 2.06
N TRP C 110 -11.73 12.24 1.08
CA TRP C 110 -10.91 13.41 1.40
C TRP C 110 -11.67 14.38 2.29
N ALA C 111 -12.87 14.78 1.87
CA ALA C 111 -13.68 15.72 2.63
C ALA C 111 -14.01 15.19 4.05
N HIS C 112 -14.30 13.91 4.16
CA HIS C 112 -14.59 13.33 5.46
C HIS C 112 -13.32 13.33 6.30
N ALA C 113 -12.19 13.00 5.69
CA ALA C 113 -10.90 12.95 6.36
C ALA C 113 -10.57 14.27 7.01
N LEU C 114 -10.69 15.37 6.26
CA LEU C 114 -10.39 16.69 6.81
C LEU C 114 -11.47 17.25 7.75
N GLY C 115 -12.53 16.45 7.98
CA GLY C 115 -13.61 16.83 8.88
C GLY C 115 -14.62 17.89 8.47
N PHE C 116 -14.95 17.96 7.19
CA PHE C 116 -15.92 18.93 6.72
C PHE C 116 -17.29 18.26 6.58
N ILE C 117 -17.27 16.94 6.41
CA ILE C 117 -18.44 16.09 6.19
C ILE C 117 -18.46 14.98 7.24
N GLU C 118 -19.60 14.78 7.86
CA GLU C 118 -19.76 13.80 8.91
C GLU C 118 -20.43 12.59 8.36
N TYR C 119 -20.17 11.44 8.94
CA TYR C 119 -20.81 10.23 8.44
C TYR C 119 -21.81 9.76 9.49
N ILE C 120 -23.01 9.41 9.05
CA ILE C 120 -24.05 8.93 9.96
C ILE C 120 -24.25 7.45 9.62
N ASN C 121 -23.65 6.59 10.43
CA ASN C 121 -23.71 5.16 10.24
C ASN C 121 -25.10 4.69 9.88
N LYS C 122 -25.99 4.72 10.87
CA LYS C 122 -27.41 4.34 10.75
C LYS C 122 -27.99 4.45 9.35
N SER C 123 -27.94 5.67 8.82
CA SER C 123 -28.47 5.99 7.49
C SER C 123 -27.51 5.80 6.33
N ASP C 124 -26.23 5.60 6.66
CA ASP C 124 -25.18 5.42 5.66
C ASP C 124 -25.19 6.68 4.82
N SER C 125 -25.41 7.79 5.51
CA SER C 125 -25.49 9.08 4.86
C SER C 125 -24.43 9.99 5.43
N PHE C 126 -24.20 11.13 4.77
CA PHE C 126 -23.22 12.12 5.20
C PHE C 126 -23.91 13.48 5.18
N VAL C 127 -23.45 14.40 6.03
CA VAL C 127 -23.99 15.76 6.15
C VAL C 127 -22.84 16.74 6.48
N ILE C 128 -22.92 18.00 6.04
CA ILE C 128 -21.85 18.98 6.29
C ILE C 128 -21.64 19.20 7.80
N THR C 129 -20.49 19.73 8.17
CA THR C 129 -20.17 20.00 9.58
C THR C 129 -20.08 21.51 9.77
N ASP C 130 -19.73 21.94 10.98
CA ASP C 130 -19.62 23.36 11.28
C ASP C 130 -18.45 24.00 10.53
N VAL C 131 -17.34 23.26 10.41
CA VAL C 131 -16.18 23.79 9.71
C VAL C 131 -16.39 23.67 8.21
N GLY C 132 -17.15 22.67 7.78
CA GLY C 132 -17.46 22.55 6.37
C GLY C 132 -18.21 23.81 5.97
N LEU C 133 -19.32 24.07 6.68
CA LEU C 133 -20.14 25.27 6.51
C LEU C 133 -19.22 26.48 6.45
N ALA C 134 -18.35 26.61 7.44
CA ALA C 134 -17.39 27.70 7.51
C ALA C 134 -16.35 27.67 6.37
N TYR C 135 -16.05 26.48 5.87
CA TYR C 135 -15.10 26.34 4.78
C TYR C 135 -15.74 26.93 3.55
N SER C 136 -16.96 26.48 3.20
CA SER C 136 -17.69 26.97 2.00
C SER C 136 -17.72 28.47 1.97
N LYS C 137 -18.31 29.01 3.02
CA LYS C 137 -18.51 30.44 3.18
C LYS C 137 -17.23 31.25 3.09
N SER C 138 -16.12 30.66 3.50
CA SER C 138 -14.84 31.35 3.43
C SER C 138 -14.62 31.70 1.97
N ALA C 139 -13.99 32.84 1.72
CA ALA C 139 -13.71 33.24 0.34
C ALA C 139 -12.52 32.45 -0.21
N ASP C 140 -12.48 32.25 -1.52
CA ASP C 140 -11.37 31.53 -2.14
C ASP C 140 -10.10 32.38 -2.06
N GLY C 141 -8.99 31.77 -1.65
CA GLY C 141 -7.75 32.49 -1.51
C GLY C 141 -7.62 33.08 -0.11
N SER C 142 -8.70 33.03 0.65
CA SER C 142 -8.72 33.56 2.01
C SER C 142 -7.64 33.08 2.96
N ALA C 143 -7.15 34.00 3.78
CA ALA C 143 -6.22 33.61 4.79
C ALA C 143 -7.07 32.77 5.75
N ILE C 144 -8.39 32.97 5.72
CA ILE C 144 -9.30 32.20 6.57
C ILE C 144 -9.35 30.81 5.98
N GLU C 145 -9.58 30.72 4.67
CA GLU C 145 -9.64 29.44 3.96
C GLU C 145 -8.38 28.65 4.31
N LYS C 146 -7.25 29.33 4.20
CA LYS C 146 -5.99 28.69 4.52
C LYS C 146 -6.02 28.22 5.96
N GLU C 147 -6.22 29.11 6.92
CA GLU C 147 -6.21 28.62 8.28
C GLU C 147 -7.21 27.51 8.54
N ILE C 148 -8.35 27.56 7.88
CA ILE C 148 -9.35 26.51 8.05
C ILE C 148 -8.78 25.18 7.56
N LEU C 149 -8.15 25.21 6.39
CA LEU C 149 -7.53 24.04 5.78
C LEU C 149 -6.36 23.50 6.61
N ILE C 150 -5.48 24.41 7.03
CA ILE C 150 -4.33 24.01 7.83
C ILE C 150 -4.75 23.39 9.16
N GLU C 151 -5.78 23.93 9.79
CA GLU C 151 -6.27 23.36 11.06
C GLU C 151 -6.90 22.00 10.78
N ALA C 152 -7.53 21.87 9.60
CA ALA C 152 -8.13 20.62 9.18
C ALA C 152 -7.07 19.55 9.10
N ILE C 153 -6.03 19.86 8.31
CA ILE C 153 -4.86 19.01 8.09
C ILE C 153 -4.25 18.52 9.38
N SER C 154 -4.01 19.45 10.31
CA SER C 154 -3.45 19.11 11.61
C SER C 154 -4.24 18.10 12.42
N SER C 155 -5.48 17.84 12.03
CA SER C 155 -6.33 16.89 12.75
C SER C 155 -6.31 15.54 12.07
N TYR C 156 -5.69 15.50 10.89
CA TYR C 156 -5.57 14.33 10.02
C TYR C 156 -4.28 13.61 10.38
N PRO C 157 -4.36 12.51 11.13
CA PRO C 157 -3.16 11.78 11.54
C PRO C 157 -2.14 11.48 10.43
N PRO C 158 -2.53 10.76 9.38
CA PRO C 158 -1.54 10.48 8.34
C PRO C 158 -0.85 11.69 7.74
N ALA C 159 -1.41 12.88 7.86
CA ALA C 159 -0.70 14.04 7.32
C ALA C 159 0.31 14.51 8.38
N ILE C 160 0.03 14.24 9.64
CA ILE C 160 0.99 14.59 10.68
C ILE C 160 2.17 13.61 10.53
N ARG C 161 1.89 12.39 10.08
CA ARG C 161 2.94 11.39 9.85
C ARG C 161 3.95 11.87 8.80
N ILE C 162 3.49 12.30 7.64
CA ILE C 162 4.42 12.81 6.64
C ILE C 162 5.30 13.86 7.29
N LEU C 163 4.67 14.86 7.89
CA LEU C 163 5.40 15.95 8.57
C LEU C 163 6.48 15.41 9.53
N THR C 164 6.08 14.54 10.46
CA THR C 164 7.00 13.93 11.39
C THR C 164 8.20 13.32 10.60
N LEU C 165 7.91 12.41 9.66
CA LEU C 165 8.97 11.75 8.89
C LEU C 165 10.05 12.70 8.36
N LEU C 166 9.69 13.96 8.17
CA LEU C 166 10.64 14.96 7.67
C LEU C 166 11.14 16.03 8.67
N GLU C 167 11.03 15.78 9.97
CA GLU C 167 11.49 16.77 10.99
C GLU C 167 12.98 17.09 10.82
N ASP C 168 13.79 16.04 10.78
CA ASP C 168 15.24 16.18 10.64
C ASP C 168 15.70 16.92 9.41
N GLY C 169 14.80 17.32 8.54
CA GLY C 169 15.23 18.05 7.36
C GLY C 169 15.73 17.20 6.21
N GLN C 170 15.36 15.91 6.19
CA GLN C 170 15.80 15.04 5.09
C GLN C 170 14.98 15.29 3.84
N HIS C 171 15.49 14.73 2.74
CA HIS C 171 14.87 14.84 1.43
C HIS C 171 14.42 13.42 1.14
N LEU C 172 13.23 13.07 1.64
CA LEU C 172 12.70 11.71 1.48
C LEU C 172 11.87 11.57 0.22
N THR C 173 11.81 10.34 -0.31
CA THR C 173 11.06 10.06 -1.52
C THR C 173 9.75 9.43 -1.16
N LYS C 174 8.83 9.36 -2.12
CA LYS C 174 7.56 8.73 -1.84
C LYS C 174 7.75 7.29 -1.38
N PHE C 175 8.93 6.71 -1.67
CA PHE C 175 9.19 5.33 -1.30
C PHE C 175 9.61 5.29 0.14
N ASP C 176 10.47 6.22 0.53
CA ASP C 176 10.91 6.28 1.92
C ASP C 176 9.70 6.56 2.82
N LEU C 177 8.86 7.55 2.44
CA LEU C 177 7.67 7.88 3.22
C LEU C 177 6.69 6.71 3.17
N GLY C 178 6.45 6.17 1.99
CA GLY C 178 5.53 5.07 1.86
C GLY C 178 5.79 3.94 2.81
N LYS C 179 7.06 3.56 2.91
CA LYS C 179 7.53 2.47 3.80
C LYS C 179 6.92 2.53 5.18
N ASN C 180 6.86 3.75 5.71
CA ASN C 180 6.38 4.04 7.04
C ASN C 180 5.04 4.71 7.14
N LEU C 181 4.12 4.47 6.19
CA LEU C 181 2.79 5.09 6.20
C LEU C 181 1.72 4.03 6.41
N GLY C 182 0.81 4.26 7.36
CA GLY C 182 -0.26 3.32 7.57
C GLY C 182 0.18 1.93 7.90
N PHE C 183 -0.74 1.00 7.94
CA PHE C 183 -0.39 -0.37 8.28
C PHE C 183 0.46 -1.04 7.21
N SER C 184 1.70 -0.55 7.09
CA SER C 184 2.71 -1.03 6.13
C SER C 184 2.98 -2.53 6.10
N GLY C 185 2.98 -3.09 4.90
CA GLY C 185 3.22 -4.52 4.74
C GLY C 185 1.93 -5.30 4.98
N GLU C 186 0.85 -4.86 4.33
CA GLU C 186 -0.44 -5.48 4.50
C GLU C 186 -1.17 -5.23 3.17
N SER C 187 -2.23 -5.99 2.91
CA SER C 187 -2.96 -5.86 1.68
C SER C 187 -3.03 -4.52 0.97
N GLY C 188 -3.51 -3.47 1.64
CA GLY C 188 -3.64 -2.20 0.94
C GLY C 188 -2.56 -1.19 1.21
N PHE C 189 -1.42 -1.67 1.69
CA PHE C 189 -0.28 -0.84 2.07
C PHE C 189 1.05 -1.48 1.65
N THR C 190 1.18 -1.77 0.37
CA THR C 190 2.41 -2.35 -0.16
C THR C 190 3.27 -1.25 -0.79
N SER C 191 4.58 -1.35 -0.67
CA SER C 191 5.46 -0.31 -1.22
C SER C 191 6.54 -0.83 -2.16
N LEU C 192 6.82 -0.05 -3.18
CA LEU C 192 7.77 -0.38 -4.21
C LEU C 192 9.18 -0.20 -3.68
N PRO C 193 10.07 -1.19 -3.91
CA PRO C 193 11.48 -1.16 -3.47
C PRO C 193 12.29 -0.17 -4.31
N GLU C 194 12.68 0.92 -3.68
CA GLU C 194 13.41 1.98 -4.34
C GLU C 194 14.71 1.48 -4.93
N GLY C 195 15.32 0.49 -4.27
CA GLY C 195 16.58 -0.06 -4.77
C GLY C 195 16.39 -0.54 -6.20
N ILE C 196 15.60 -1.60 -6.32
CA ILE C 196 15.24 -2.18 -7.58
C ILE C 196 14.78 -1.12 -8.60
N LEU C 197 13.88 -0.23 -8.21
CA LEU C 197 13.39 0.82 -9.10
C LEU C 197 14.52 1.61 -9.72
N LEU C 198 15.33 2.25 -8.89
CA LEU C 198 16.44 3.06 -9.41
C LEU C 198 17.34 2.24 -10.32
N ASP C 199 17.64 1.03 -9.88
CA ASP C 199 18.47 0.14 -10.64
C ASP C 199 17.94 0.02 -12.08
N THR C 200 16.68 -0.38 -12.23
CA THR C 200 16.16 -0.53 -13.58
C THR C 200 16.15 0.80 -14.30
N LEU C 201 15.71 1.84 -13.62
CA LEU C 201 15.70 3.14 -14.26
C LEU C 201 17.07 3.39 -14.86
N ALA C 202 18.11 2.92 -14.17
CA ALA C 202 19.47 3.06 -14.64
C ALA C 202 19.73 2.20 -15.88
N ASN C 203 19.96 0.91 -15.69
CA ASN C 203 20.24 0.06 -16.84
C ASN C 203 19.01 -0.42 -17.58
N ALA C 204 18.42 0.49 -18.36
CA ALA C 204 17.23 0.21 -19.16
C ALA C 204 17.16 1.30 -20.22
N MET C 205 16.83 0.91 -21.44
CA MET C 205 16.79 1.88 -22.52
C MET C 205 15.66 2.89 -22.42
N PRO C 206 15.97 4.18 -22.66
CA PRO C 206 15.08 5.32 -22.62
C PRO C 206 13.69 5.08 -23.18
N LYS C 207 13.60 4.14 -24.11
CA LYS C 207 12.31 3.81 -24.75
C LYS C 207 11.33 3.27 -23.72
N ASP C 208 11.80 3.03 -22.50
CA ASP C 208 10.94 2.51 -21.44
C ASP C 208 10.98 3.28 -20.12
N LYS C 209 12.00 4.11 -19.92
CA LYS C 209 12.11 4.88 -18.68
C LYS C 209 11.34 6.20 -18.69
N GLY C 210 10.04 6.07 -18.51
CA GLY C 210 9.12 7.18 -18.48
C GLY C 210 7.90 6.42 -18.05
N GLU C 211 7.59 5.37 -18.83
CA GLU C 211 6.50 4.47 -18.53
C GLU C 211 6.85 3.94 -17.13
N ILE C 212 8.08 3.46 -16.94
CA ILE C 212 8.48 2.95 -15.64
C ILE C 212 8.76 4.00 -14.56
N ARG C 213 8.16 5.17 -14.67
CA ARG C 213 8.33 6.25 -13.69
C ARG C 213 6.94 6.63 -13.21
N ASN C 214 6.08 6.78 -14.22
CA ASN C 214 4.67 7.12 -14.11
C ASN C 214 3.89 5.91 -13.65
N ASN C 215 4.45 4.72 -13.89
CA ASN C 215 3.79 3.49 -13.52
C ASN C 215 4.22 2.82 -12.23
N TRP C 216 5.53 2.84 -11.94
CA TRP C 216 6.13 2.22 -10.75
C TRP C 216 5.90 2.94 -9.40
N GLU C 217 4.93 2.43 -8.63
CA GLU C 217 4.55 2.91 -7.30
C GLU C 217 3.44 2.02 -6.67
N GLY C 218 3.59 1.69 -5.38
CA GLY C 218 2.59 0.87 -4.69
C GLY C 218 1.47 1.72 -4.10
N SER C 219 0.40 1.11 -3.59
CA SER C 219 -0.71 1.89 -3.02
C SER C 219 -0.23 2.86 -1.92
N SER C 220 0.72 2.45 -1.08
CA SER C 220 1.23 3.36 -0.04
C SER C 220 2.05 4.50 -0.65
N ASP C 221 2.70 4.25 -1.78
CA ASP C 221 3.49 5.29 -2.39
C ASP C 221 2.56 6.35 -2.94
N LYS C 222 1.41 5.92 -3.43
CA LYS C 222 0.43 6.88 -3.97
C LYS C 222 -0.04 7.83 -2.86
N TYR C 223 -0.43 7.26 -1.72
CA TYR C 223 -0.83 8.05 -0.55
C TYR C 223 0.29 9.02 -0.17
N ALA C 224 1.52 8.52 -0.07
CA ALA C 224 2.66 9.37 0.27
C ALA C 224 2.78 10.57 -0.65
N ARG C 225 2.92 10.35 -1.96
CA ARG C 225 3.04 11.49 -2.88
C ARG C 225 1.88 12.47 -2.80
N MET C 226 0.67 11.93 -2.66
CA MET C 226 -0.57 12.68 -2.55
C MET C 226 -0.64 13.53 -1.26
N ILE C 227 -0.49 12.91 -0.09
CA ILE C 227 -0.53 13.69 1.16
C ILE C 227 0.60 14.69 1.13
N GLY C 228 1.70 14.33 0.45
CA GLY C 228 2.83 15.21 0.32
C GLY C 228 2.49 16.37 -0.59
N GLY C 229 1.56 16.14 -1.52
CA GLY C 229 1.13 17.18 -2.46
C GLY C 229 0.20 18.20 -1.83
N TRP C 230 -0.67 17.72 -0.96
CA TRP C 230 -1.56 18.62 -0.23
C TRP C 230 -0.69 19.57 0.62
N LEU C 231 0.15 18.98 1.47
CA LEU C 231 1.02 19.72 2.36
C LEU C 231 1.83 20.72 1.59
N ASP C 232 2.14 20.38 0.35
CA ASP C 232 2.89 21.29 -0.49
C ASP C 232 2.02 22.50 -0.79
N LYS C 233 0.83 22.32 -1.35
CA LYS C 233 -0.02 23.49 -1.65
C LYS C 233 -0.31 24.35 -0.41
N LEU C 234 -0.46 23.71 0.74
CA LEU C 234 -0.71 24.40 2.00
C LEU C 234 0.53 25.09 2.55
N GLY C 235 1.68 24.81 1.93
CA GLY C 235 2.95 25.41 2.31
C GLY C 235 3.68 24.77 3.48
N LEU C 236 3.30 23.56 3.86
CA LEU C 236 3.93 22.89 4.99
C LEU C 236 5.07 21.92 4.57
N VAL C 237 5.19 21.69 3.26
CA VAL C 237 6.22 20.79 2.71
C VAL C 237 6.68 21.37 1.36
N LYS C 238 7.84 20.95 0.88
CA LYS C 238 8.35 21.40 -0.41
C LYS C 238 8.71 20.21 -1.28
N GLN C 239 7.91 19.98 -2.32
CA GLN C 239 8.11 18.87 -3.26
C GLN C 239 9.17 19.17 -4.31
N GLY C 240 10.19 18.31 -4.34
CA GLY C 240 11.30 18.47 -5.26
C GLY C 240 11.97 17.14 -5.59
N LYS C 241 12.40 16.98 -6.83
CA LYS C 241 13.03 15.73 -7.25
C LYS C 241 14.34 15.51 -6.53
N LYS C 242 14.74 14.24 -6.49
CA LYS C 242 15.97 13.83 -5.84
C LYS C 242 16.77 13.02 -6.84
N GLU C 243 17.97 13.49 -7.14
CA GLU C 243 18.86 12.83 -8.09
C GLU C 243 19.65 11.78 -7.33
N PHE C 244 20.02 10.70 -7.98
CA PHE C 244 20.78 9.64 -7.35
C PHE C 244 21.90 9.23 -8.27
N ILE C 245 23.09 9.03 -7.73
CA ILE C 245 24.19 8.60 -8.57
C ILE C 245 24.26 7.09 -8.52
N ILE C 246 23.82 6.50 -9.62
CA ILE C 246 23.80 5.06 -9.72
C ILE C 246 24.70 4.67 -10.86
N PRO C 247 25.99 4.49 -10.57
CA PRO C 247 26.97 4.09 -11.57
C PRO C 247 26.56 2.70 -12.06
N THR C 248 26.28 2.60 -13.35
CA THR C 248 25.86 1.36 -14.00
C THR C 248 27.00 0.36 -14.29
N PRO C 252 29.93 5.05 -15.14
CA PRO C 252 29.89 5.38 -13.70
C PRO C 252 29.58 6.86 -13.57
N ASP C 253 29.25 7.31 -12.36
CA ASP C 253 28.88 8.72 -12.08
C ASP C 253 27.61 9.06 -12.85
N ASN C 254 26.72 8.07 -12.87
CA ASN C 254 25.43 8.12 -13.55
C ASN C 254 24.44 8.79 -12.60
N LYS C 255 23.39 9.40 -13.15
CA LYS C 255 22.39 10.08 -12.34
C LYS C 255 20.93 9.82 -12.72
N GLU C 256 20.19 9.16 -11.83
CA GLU C 256 18.77 8.87 -12.02
C GLU C 256 18.02 9.79 -11.08
N PHE C 257 16.71 9.84 -11.17
CA PHE C 257 15.96 10.71 -10.29
C PHE C 257 14.53 10.23 -9.98
N ILE C 258 14.07 10.59 -8.78
CA ILE C 258 12.72 10.28 -8.32
C ILE C 258 12.13 11.67 -8.03
N SER C 259 11.18 12.09 -8.85
CA SER C 259 10.58 13.39 -8.74
C SER C 259 9.74 13.56 -7.47
N HIS C 260 8.97 12.54 -7.14
CA HIS C 260 8.14 12.62 -5.97
C HIS C 260 8.91 12.43 -4.71
N ALA C 261 9.61 13.50 -4.33
CA ALA C 261 10.40 13.58 -3.09
C ALA C 261 10.08 14.90 -2.39
N PHE C 262 10.21 14.95 -1.07
CA PHE C 262 9.86 16.16 -0.32
C PHE C 262 10.81 16.54 0.82
N LYS C 263 10.81 17.83 1.13
CA LYS C 263 11.58 18.39 2.25
C LYS C 263 10.55 19.19 3.05
N ILE C 264 10.72 19.30 4.37
CA ILE C 264 9.80 20.05 5.24
C ILE C 264 10.18 21.51 5.26
N THR C 265 9.22 22.38 5.54
CA THR C 265 9.46 23.82 5.57
C THR C 265 9.40 24.38 6.99
N GLY C 266 9.58 25.69 7.15
CA GLY C 266 9.51 26.28 8.47
C GLY C 266 8.07 26.22 8.96
N GLU C 267 7.18 26.76 8.14
CA GLU C 267 5.77 26.78 8.44
C GLU C 267 5.37 25.35 8.76
N GLY C 268 5.89 24.40 7.98
CA GLY C 268 5.63 23.01 8.23
C GLY C 268 6.05 22.63 9.64
N LEU C 269 7.28 23.00 10.03
CA LEU C 269 7.79 22.70 11.37
C LEU C 269 6.98 23.33 12.48
N LYS C 270 6.49 24.55 12.25
CA LYS C 270 5.65 25.22 13.25
C LYS C 270 4.44 24.34 13.49
N VAL C 271 3.82 23.92 12.38
CA VAL C 271 2.63 23.06 12.41
C VAL C 271 2.84 21.86 13.31
N LEU C 272 3.98 21.19 13.12
CA LEU C 272 4.32 20.02 13.91
C LEU C 272 4.49 20.41 15.38
N ARG C 273 5.26 21.46 15.65
CA ARG C 273 5.50 21.92 17.02
C ARG C 273 4.16 22.07 17.73
N ARG C 274 3.25 22.81 17.10
CA ARG C 274 1.94 22.98 17.68
C ARG C 274 1.31 21.61 17.85
N ALA C 275 0.96 20.97 16.73
CA ALA C 275 0.31 19.66 16.71
C ALA C 275 1.19 18.51 17.24
N LYS C 276 2.09 18.82 18.16
CA LYS C 276 2.95 17.82 18.78
C LYS C 276 2.93 18.01 20.29
N GLY C 277 2.19 19.02 20.76
CA GLY C 277 2.09 19.27 22.19
C GLY C 277 3.18 20.16 22.80
N SER C 278 3.74 21.06 22.00
CA SER C 278 4.79 21.97 22.47
C SER C 278 4.56 23.37 21.93
N VAL C 284 -4.19 20.63 18.73
CA VAL C 284 -5.28 20.24 17.79
C VAL C 284 -5.61 18.75 17.93
N PRO C 285 -6.74 18.40 18.56
CA PRO C 285 -7.04 16.97 18.69
C PRO C 285 -7.18 16.31 17.33
N LYS C 286 -6.64 15.11 17.24
CA LYS C 286 -6.67 14.36 15.99
C LYS C 286 -7.93 13.52 15.88
N ARG C 287 -8.47 13.41 14.66
CA ARG C 287 -9.64 12.58 14.43
C ARG C 287 -9.15 11.19 13.97
N VAL C 288 -9.75 10.14 14.50
CA VAL C 288 -9.38 8.78 14.16
C VAL C 288 -10.70 8.06 14.05
N TYR C 289 -10.91 7.29 12.98
CA TYR C 289 -12.16 6.55 12.79
C TYR C 289 -11.76 5.09 12.68
N TRP C 290 -12.63 4.20 13.12
CA TRP C 290 -12.31 2.78 13.05
C TRP C 290 -12.06 2.32 11.61
N GLU C 291 -12.82 2.85 10.64
CA GLU C 291 -12.66 2.49 9.21
C GLU C 291 -11.27 2.83 8.65
N MET C 292 -10.49 3.57 9.44
CA MET C 292 -9.16 4.02 9.09
C MET C 292 -8.08 3.02 9.41
N LEU C 293 -8.40 2.13 10.35
CA LEU C 293 -7.45 1.15 10.85
C LEU C 293 -7.06 0.01 9.94
N ALA C 294 -7.61 0.03 8.72
CA ALA C 294 -7.27 -0.97 7.68
C ALA C 294 -8.07 -0.73 6.42
N THR C 295 -7.42 -0.78 5.26
CA THR C 295 -8.13 -0.56 4.03
C THR C 295 -8.49 -1.85 3.32
N ASN C 296 -7.61 -2.37 2.47
CA ASN C 296 -7.91 -3.59 1.70
C ASN C 296 -7.65 -4.95 2.31
N LEU C 297 -7.50 -5.04 3.63
CA LEU C 297 -7.22 -6.32 4.30
C LEU C 297 -8.45 -7.15 4.19
N THR C 298 -8.35 -8.40 3.80
CA THR C 298 -9.55 -9.21 3.74
C THR C 298 -10.17 -9.34 5.12
N ASP C 299 -9.35 -9.22 6.16
CA ASP C 299 -9.87 -9.34 7.51
C ASP C 299 -10.11 -7.98 8.19
N LYS C 300 -10.65 -7.04 7.41
CA LYS C 300 -10.97 -5.70 7.86
C LYS C 300 -11.58 -5.67 9.25
N GLU C 301 -12.72 -6.33 9.43
CA GLU C 301 -13.43 -6.35 10.71
C GLU C 301 -12.58 -6.71 11.94
N TYR C 302 -12.21 -7.98 12.08
CA TYR C 302 -11.39 -8.39 13.22
C TYR C 302 -10.27 -7.40 13.56
N VAL C 303 -9.37 -7.21 12.62
CA VAL C 303 -8.21 -6.35 12.79
C VAL C 303 -8.50 -4.89 13.04
N ARG C 304 -9.49 -4.33 12.37
CA ARG C 304 -9.78 -2.92 12.60
C ARG C 304 -10.21 -2.73 14.05
N THR C 305 -11.07 -3.63 14.54
CA THR C 305 -11.54 -3.52 15.91
C THR C 305 -10.51 -3.92 16.97
N ARG C 306 -9.76 -5.00 16.74
CA ARG C 306 -8.71 -5.39 17.68
C ARG C 306 -7.85 -4.12 17.91
N ARG C 307 -7.42 -3.48 16.82
CA ARG C 307 -6.64 -2.27 16.89
C ARG C 307 -7.42 -1.14 17.57
N ALA C 308 -8.71 -1.00 17.24
CA ALA C 308 -9.52 0.04 17.88
C ALA C 308 -9.44 -0.11 19.39
N LEU C 309 -9.72 -1.31 19.89
CA LEU C 309 -9.68 -1.58 21.33
C LEU C 309 -8.32 -1.23 21.89
N ILE C 310 -7.25 -1.63 21.21
CA ILE C 310 -5.90 -1.30 21.65
C ILE C 310 -5.77 0.22 21.81
N LEU C 311 -6.28 0.99 20.86
CA LEU C 311 -6.17 2.44 20.98
C LEU C 311 -6.95 2.92 22.21
N GLU C 312 -8.11 2.31 22.45
CA GLU C 312 -8.95 2.64 23.60
C GLU C 312 -8.15 2.45 24.91
N ILE C 313 -7.58 1.26 25.07
CA ILE C 313 -6.74 0.87 26.20
C ILE C 313 -5.71 1.96 26.47
N LEU C 314 -4.96 2.33 25.43
CA LEU C 314 -3.95 3.36 25.52
C LEU C 314 -4.46 4.76 25.77
N ILE C 315 -5.66 5.07 25.29
CA ILE C 315 -6.24 6.41 25.52
C ILE C 315 -6.54 6.52 27.02
N LYS C 316 -7.34 5.57 27.48
CA LYS C 316 -7.78 5.47 28.85
C LYS C 316 -6.61 5.48 29.85
N ALA C 317 -5.79 4.43 29.79
CA ALA C 317 -4.66 4.25 30.68
C ALA C 317 -3.48 5.18 30.38
N GLY C 318 -2.28 4.79 30.77
CA GLY C 318 -1.09 5.60 30.54
C GLY C 318 0.08 4.76 31.00
N SER C 319 1.08 4.57 30.16
CA SER C 319 2.24 3.75 30.49
C SER C 319 1.88 2.38 31.05
N LEU C 320 1.62 1.44 30.16
CA LEU C 320 1.29 0.08 30.55
C LEU C 320 2.34 -0.86 30.00
N LYS C 321 2.46 -2.04 30.60
CA LYS C 321 3.41 -3.02 30.13
C LYS C 321 2.67 -3.74 29.03
N ILE C 322 3.39 -4.11 27.96
CA ILE C 322 2.72 -4.80 26.86
C ILE C 322 1.91 -5.98 27.38
N GLU C 323 2.20 -6.38 28.62
CA GLU C 323 1.50 -7.49 29.27
C GLU C 323 0.15 -7.01 29.81
N GLN C 324 0.16 -5.81 30.36
CA GLN C 324 -1.06 -5.20 30.88
C GLN C 324 -1.95 -5.03 29.65
N ILE C 325 -1.37 -4.52 28.57
CA ILE C 325 -2.09 -4.31 27.32
C ILE C 325 -2.71 -5.63 26.83
N GLN C 326 -1.89 -6.67 26.74
CA GLN C 326 -2.35 -7.98 26.32
C GLN C 326 -3.52 -8.40 27.23
N ASP C 327 -3.31 -8.18 28.52
CA ASP C 327 -4.28 -8.49 29.57
C ASP C 327 -5.64 -7.87 29.29
N ASN C 328 -5.66 -6.55 29.14
CA ASN C 328 -6.89 -5.84 28.85
C ASN C 328 -7.60 -6.45 27.65
N LEU C 329 -6.88 -6.62 26.54
CA LEU C 329 -7.47 -7.20 25.33
C LEU C 329 -8.15 -8.53 25.66
N LYS C 330 -7.43 -9.41 26.36
CA LYS C 330 -7.98 -10.71 26.74
C LYS C 330 -9.35 -10.55 27.41
N LYS C 331 -9.55 -9.43 28.10
CA LYS C 331 -10.82 -9.14 28.76
C LYS C 331 -11.88 -8.60 27.79
N LEU C 332 -11.48 -7.66 26.94
CA LEU C 332 -12.37 -7.04 25.93
C LEU C 332 -12.83 -8.01 24.83
N GLY C 333 -12.16 -9.17 24.77
CA GLY C 333 -12.55 -10.19 23.83
C GLY C 333 -11.42 -10.75 23.00
N PHE C 334 -10.26 -10.12 23.04
CA PHE C 334 -9.16 -10.56 22.18
C PHE C 334 -7.94 -11.18 22.85
N ASP C 335 -7.85 -12.50 22.77
CA ASP C 335 -6.72 -13.23 23.34
C ASP C 335 -5.64 -13.20 22.26
N GLU C 336 -4.76 -12.20 22.31
CA GLU C 336 -3.69 -12.05 21.31
C GLU C 336 -2.33 -12.47 21.86
N VAL C 337 -1.28 -12.01 21.20
CA VAL C 337 0.10 -12.30 21.58
C VAL C 337 0.95 -11.04 21.39
N ILE C 338 1.99 -10.92 22.19
CA ILE C 338 2.87 -9.77 22.14
C ILE C 338 3.23 -9.32 20.71
N GLU C 339 3.66 -10.27 19.88
CA GLU C 339 4.07 -9.98 18.50
C GLU C 339 3.04 -9.19 17.69
N THR C 340 1.80 -9.64 17.77
CA THR C 340 0.72 -8.99 17.05
C THR C 340 0.45 -7.62 17.67
N ILE C 341 0.18 -7.59 18.97
CA ILE C 341 -0.11 -6.35 19.68
C ILE C 341 0.93 -5.25 19.43
N GLU C 342 2.19 -5.65 19.33
CA GLU C 342 3.25 -4.68 19.07
C GLU C 342 3.16 -4.25 17.62
N ASN C 343 2.90 -5.21 16.75
CA ASN C 343 2.77 -4.91 15.34
C ASN C 343 1.67 -3.86 15.10
N ASP C 344 0.54 -4.01 15.76
CA ASP C 344 -0.54 -3.05 15.63
C ASP C 344 -0.12 -1.70 16.14
N ILE C 345 0.56 -1.65 17.29
CA ILE C 345 1.01 -0.35 17.80
C ILE C 345 2.04 0.24 16.82
N LYS C 346 2.65 -0.61 15.99
CA LYS C 346 3.62 -0.16 14.97
C LYS C 346 2.85 0.57 13.85
N GLY C 347 1.68 0.03 13.52
CA GLY C 347 0.81 0.65 12.54
C GLY C 347 0.25 1.95 13.10
N LEU C 348 -0.40 1.91 14.26
CA LEU C 348 -0.97 3.11 14.87
C LEU C 348 0.08 4.19 14.90
N ILE C 349 1.30 3.84 15.24
CA ILE C 349 2.37 4.82 15.29
C ILE C 349 2.61 5.36 13.88
N ASN C 350 2.57 4.46 12.90
CA ASN C 350 2.77 4.76 11.48
C ASN C 350 1.70 5.65 10.81
N THR C 351 0.44 5.51 11.24
CA THR C 351 -0.60 6.34 10.66
C THR C 351 -0.61 7.75 11.26
N GLY C 352 0.26 8.01 12.24
CA GLY C 352 0.34 9.36 12.79
C GLY C 352 -0.18 9.66 14.18
N ILE C 353 -0.43 8.64 14.96
CA ILE C 353 -0.89 8.82 16.32
C ILE C 353 0.41 8.77 17.13
N PHE C 354 0.62 9.66 18.10
CA PHE C 354 1.89 9.60 18.86
C PHE C 354 1.88 8.68 20.07
N ILE C 355 2.50 7.51 19.96
CA ILE C 355 2.58 6.58 21.10
C ILE C 355 4.05 6.42 21.48
N GLU C 356 4.42 6.82 22.70
CA GLU C 356 5.82 6.74 23.18
C GLU C 356 6.25 5.39 23.75
N ILE C 357 7.51 5.05 23.53
CA ILE C 357 8.04 3.79 24.01
C ILE C 357 9.30 3.86 24.86
N LYS C 358 9.25 3.11 25.96
CA LYS C 358 10.34 2.99 26.91
C LYS C 358 10.44 1.49 27.18
N GLY C 359 11.44 0.86 26.55
CA GLY C 359 11.63 -0.56 26.74
C GLY C 359 10.43 -1.42 26.42
N ARG C 360 9.70 -1.87 27.44
CA ARG C 360 8.52 -2.71 27.23
C ARG C 360 7.22 -2.03 27.70
N PHE C 361 7.27 -0.71 27.84
CA PHE C 361 6.13 0.10 28.26
C PHE C 361 5.79 1.16 27.20
N TYR C 362 4.50 1.28 26.88
CA TYR C 362 3.97 2.22 25.85
C TYR C 362 3.03 3.27 26.46
N GLN C 363 3.10 4.50 25.95
CA GLN C 363 2.23 5.56 26.43
C GLN C 363 1.87 6.60 25.38
N LEU C 364 0.59 6.64 25.06
CA LEU C 364 0.08 7.58 24.06
C LEU C 364 0.30 9.01 24.53
N LYS C 365 1.10 9.74 23.79
CA LYS C 365 1.35 11.12 24.15
C LYS C 365 0.60 12.00 23.15
N ASP C 366 -0.67 11.66 22.91
CA ASP C 366 -1.47 12.39 21.93
C ASP C 366 -2.92 12.56 22.38
N HIS C 367 -3.60 13.55 21.78
CA HIS C 367 -5.02 13.78 22.08
C HIS C 367 -5.83 13.49 20.82
N ILE C 368 -6.52 12.35 20.81
CA ILE C 368 -7.37 11.98 19.69
C ILE C 368 -8.80 12.04 20.22
N LEU C 369 -9.74 12.51 19.39
CA LEU C 369 -11.14 12.62 19.81
C LEU C 369 -11.78 11.26 19.82
N GLN C 370 -12.72 11.09 20.74
CA GLN C 370 -13.44 9.82 20.90
C GLN C 370 -14.07 9.43 19.60
N PHE C 371 -14.09 8.14 19.32
CA PHE C 371 -14.66 7.63 18.09
C PHE C 371 -15.47 6.35 18.36
N VAL C 372 -16.19 5.90 17.34
CA VAL C 372 -17.05 4.72 17.44
C VAL C 372 -16.48 3.42 16.87
N ILE C 373 -16.69 2.31 17.59
CA ILE C 373 -16.24 0.97 17.19
C ILE C 373 -17.51 0.20 16.88
N PRO C 374 -17.84 0.07 15.61
CA PRO C 374 -19.03 -0.64 15.13
C PRO C 374 -19.22 -2.00 15.75
N ASN C 375 -20.49 -2.39 15.87
CA ASN C 375 -20.90 -3.68 16.41
C ASN C 375 -20.15 -4.10 17.66
N ARG C 376 -20.02 -3.17 18.60
CA ARG C 376 -19.34 -3.44 19.86
C ARG C 376 -20.21 -4.37 20.72
N GLY C 377 -19.62 -4.99 21.74
CA GLY C 377 -20.42 -5.87 22.60
C GLY C 377 -20.45 -7.26 22.01
N VAL C 378 -20.35 -7.34 20.69
CA VAL C 378 -20.30 -8.60 19.98
C VAL C 378 -18.82 -8.81 19.61
N THR C 379 -17.98 -7.89 20.09
CA THR C 379 -16.53 -7.92 19.85
C THR C 379 -15.99 -9.30 20.14
N LYS C 380 -16.25 -9.76 21.36
CA LYS C 380 -15.81 -11.06 21.81
C LYS C 380 -16.16 -12.22 20.87
N GLN C 381 -17.03 -11.99 19.89
CA GLN C 381 -17.42 -13.06 18.97
C GLN C 381 -16.62 -13.08 17.65
N LEU C 382 -15.83 -12.04 17.42
CA LEU C 382 -15.01 -11.93 16.21
C LEU C 382 -13.91 -12.98 16.18
N VAL C 383 -13.93 -13.79 15.13
CA VAL C 383 -12.95 -14.85 14.97
C VAL C 383 -11.71 -14.35 14.18
N LYS C 384 -10.58 -14.99 14.44
CA LYS C 384 -9.30 -14.66 13.80
C LYS C 384 -9.09 -15.68 12.67
N SER C 385 -8.89 -15.20 11.44
CA SER C 385 -8.71 -16.08 10.28
C SER C 385 -7.50 -16.99 10.30
N GLU C 386 -7.49 -18.00 9.44
CA GLU C 386 -6.37 -18.91 9.36
C GLU C 386 -5.12 -18.15 8.88
N LEU C 387 -5.31 -17.21 7.95
CA LEU C 387 -4.20 -16.41 7.44
C LEU C 387 -3.63 -15.52 8.55
N GLU C 388 -4.51 -14.84 9.30
CA GLU C 388 -4.04 -13.99 10.38
C GLU C 388 -3.34 -14.83 11.44
N GLU C 389 -3.83 -16.05 11.65
CA GLU C 389 -3.19 -16.94 12.61
C GLU C 389 -1.80 -17.28 12.09
N LYS C 390 -1.71 -17.70 10.83
CA LYS C 390 -0.41 -18.01 10.24
C LYS C 390 0.54 -16.83 10.43
N LYS C 391 0.08 -15.62 10.13
CA LYS C 391 0.92 -14.43 10.31
C LYS C 391 1.51 -14.35 11.72
N SER C 392 0.70 -14.50 12.76
CA SER C 392 1.22 -14.47 14.13
C SER C 392 2.31 -15.51 14.28
N GLU C 393 2.00 -16.75 13.93
CA GLU C 393 2.95 -17.85 14.00
C GLU C 393 4.27 -17.38 13.41
N LEU C 394 4.20 -16.91 12.19
CA LEU C 394 5.38 -16.42 11.53
C LEU C 394 6.02 -15.31 12.37
N ARG C 395 5.26 -14.28 12.74
CA ARG C 395 5.77 -13.16 13.53
C ARG C 395 6.47 -13.64 14.80
N HIS C 396 6.05 -14.79 15.26
CA HIS C 396 6.61 -15.40 16.45
C HIS C 396 7.95 -16.06 16.14
N LYS C 397 7.94 -16.97 15.18
CA LYS C 397 9.13 -17.69 14.78
C LYS C 397 10.22 -16.80 14.18
N LEU C 398 9.86 -15.81 13.38
CA LEU C 398 10.85 -14.96 12.75
C LEU C 398 11.53 -13.98 13.72
N LYS C 399 12.68 -14.37 14.26
CA LYS C 399 13.44 -13.50 15.18
C LYS C 399 14.42 -12.56 14.43
N TYR C 400 15.21 -13.10 13.52
CA TYR C 400 16.20 -12.33 12.74
C TYR C 400 15.62 -11.57 11.55
N VAL C 401 14.65 -12.19 10.88
CA VAL C 401 13.97 -11.65 9.71
C VAL C 401 12.93 -10.58 10.03
N PRO C 402 13.05 -9.38 9.43
CA PRO C 402 12.08 -8.31 9.69
C PRO C 402 10.65 -8.79 9.37
N HIS C 403 9.73 -8.50 10.27
CA HIS C 403 8.35 -8.90 10.11
C HIS C 403 7.71 -8.31 8.87
N GLU C 404 8.31 -7.25 8.32
CA GLU C 404 7.75 -6.65 7.08
C GLU C 404 7.61 -7.73 6.02
N TYR C 405 8.64 -8.57 5.89
CA TYR C 405 8.67 -9.64 4.91
C TYR C 405 7.52 -10.63 5.05
N ILE C 406 6.67 -10.49 6.06
CA ILE C 406 5.58 -11.43 6.18
C ILE C 406 4.51 -10.98 5.22
N GLU C 407 4.74 -9.84 4.61
CA GLU C 407 3.80 -9.29 3.62
C GLU C 407 3.76 -10.24 2.42
N LEU C 408 4.85 -10.98 2.21
CA LEU C 408 4.93 -11.88 1.08
C LEU C 408 3.86 -12.93 1.09
N ILE C 409 3.47 -13.39 2.29
CA ILE C 409 2.45 -14.42 2.41
C ILE C 409 1.20 -13.93 1.70
N GLU C 410 0.95 -12.63 1.77
CA GLU C 410 -0.22 -12.02 1.14
C GLU C 410 -0.03 -11.71 -0.34
N ILE C 411 0.96 -10.88 -0.67
CA ILE C 411 1.23 -10.55 -2.07
C ILE C 411 1.19 -11.78 -2.98
N ALA C 412 1.87 -12.85 -2.56
CA ALA C 412 1.97 -14.12 -3.31
C ALA C 412 0.63 -14.77 -3.60
N ARG C 413 -0.37 -14.39 -2.82
CA ARG C 413 -1.73 -14.89 -2.95
C ARG C 413 -2.62 -13.95 -3.78
N ASN C 414 -2.11 -12.74 -4.08
CA ASN C 414 -2.84 -11.74 -4.86
C ASN C 414 -2.50 -11.77 -6.36
N SER C 415 -3.46 -12.16 -7.20
CA SER C 415 -3.23 -12.26 -8.64
C SER C 415 -2.88 -10.93 -9.29
N THR C 416 -3.24 -9.85 -8.64
CA THR C 416 -2.98 -8.53 -9.16
C THR C 416 -1.59 -8.04 -8.78
N GLN C 417 -0.86 -8.82 -8.00
CA GLN C 417 0.47 -8.42 -7.58
C GLN C 417 1.70 -9.17 -8.13
N ASP C 418 1.58 -9.69 -9.35
CA ASP C 418 2.66 -10.39 -10.03
C ASP C 418 3.90 -9.48 -10.05
N ARG C 419 3.73 -8.27 -10.58
CA ARG C 419 4.77 -7.24 -10.69
C ARG C 419 5.64 -7.17 -9.42
N ILE C 420 5.06 -6.63 -8.35
CA ILE C 420 5.79 -6.48 -7.10
C ILE C 420 6.35 -7.78 -6.47
N LEU C 421 5.65 -8.90 -6.58
CA LEU C 421 6.20 -10.09 -5.97
C LEU C 421 7.56 -10.39 -6.59
N GLU C 422 7.67 -10.21 -7.89
CA GLU C 422 8.93 -10.42 -8.62
C GLU C 422 10.01 -9.61 -7.92
N MET C 423 9.64 -8.41 -7.47
CA MET C 423 10.57 -7.51 -6.81
C MET C 423 10.90 -7.83 -5.37
N LYS C 424 9.87 -8.16 -4.60
CA LYS C 424 9.98 -8.49 -3.18
C LYS C 424 10.77 -9.75 -2.91
N VAL C 425 10.54 -10.76 -3.73
CA VAL C 425 11.22 -12.02 -3.58
C VAL C 425 12.68 -11.98 -3.94
N MET C 426 13.04 -11.32 -5.03
CA MET C 426 14.46 -11.24 -5.36
C MET C 426 15.07 -10.45 -4.20
N GLU C 427 14.40 -9.40 -3.77
CA GLU C 427 14.91 -8.63 -2.65
C GLU C 427 15.20 -9.55 -1.45
N PHE C 428 14.27 -10.41 -1.08
CA PHE C 428 14.48 -11.32 0.03
C PHE C 428 15.69 -12.24 -0.19
N PHE C 429 15.82 -12.83 -1.39
CA PHE C 429 16.96 -13.68 -1.68
C PHE C 429 18.27 -12.90 -1.51
N MET C 430 18.28 -11.65 -1.95
CA MET C 430 19.49 -10.86 -1.83
C MET C 430 19.81 -10.35 -0.42
N LYS C 431 18.94 -9.52 0.14
CA LYS C 431 19.16 -8.93 1.46
C LYS C 431 19.21 -9.88 2.64
N VAL C 432 18.54 -11.02 2.55
CA VAL C 432 18.50 -12.01 3.62
C VAL C 432 19.33 -13.27 3.38
N TYR C 433 18.96 -14.06 2.36
CA TYR C 433 19.72 -15.26 2.02
C TYR C 433 21.13 -14.87 1.65
N GLY C 434 21.29 -13.66 1.11
CA GLY C 434 22.60 -13.18 0.76
C GLY C 434 23.08 -13.40 -0.66
N TYR C 435 22.28 -14.03 -1.53
CA TYR C 435 22.70 -14.27 -2.92
C TYR C 435 23.01 -12.97 -3.61
N ARG C 436 23.86 -12.98 -4.62
CA ARG C 436 24.13 -11.75 -5.36
C ARG C 436 23.20 -11.89 -6.56
N GLY C 437 22.98 -10.83 -7.33
CA GLY C 437 22.08 -10.98 -8.46
C GLY C 437 21.31 -9.75 -8.91
N LYS C 438 20.18 -10.00 -9.57
CA LYS C 438 19.31 -8.94 -10.08
C LYS C 438 17.90 -9.39 -10.38
N HIS C 439 16.97 -8.44 -10.35
CA HIS C 439 15.57 -8.67 -10.68
C HIS C 439 15.58 -8.34 -12.15
N LEU C 440 14.90 -9.16 -12.93
CA LEU C 440 14.82 -8.99 -14.38
C LEU C 440 13.40 -9.37 -14.75
N GLY C 441 12.53 -8.40 -14.94
CA GLY C 441 11.18 -8.77 -15.29
C GLY C 441 11.13 -8.73 -16.80
N GLY C 442 9.99 -9.09 -17.39
CA GLY C 442 9.90 -8.99 -18.82
C GLY C 442 9.37 -10.20 -19.53
N SER C 443 9.43 -10.11 -20.85
CA SER C 443 8.99 -11.15 -21.76
C SER C 443 10.20 -11.80 -22.43
N ARG C 444 11.38 -11.26 -22.13
CA ARG C 444 12.60 -11.79 -22.69
C ARG C 444 13.65 -12.02 -21.61
N LYS C 445 13.23 -12.09 -20.35
CA LYS C 445 14.13 -12.28 -19.22
C LYS C 445 13.36 -13.05 -18.17
N PRO C 446 14.06 -13.90 -17.41
CA PRO C 446 13.34 -14.65 -16.37
C PRO C 446 13.17 -13.62 -15.24
N ASP C 447 12.23 -13.83 -14.33
CA ASP C 447 11.98 -12.87 -13.26
C ASP C 447 13.20 -12.46 -12.45
N GLY C 448 14.19 -13.34 -12.38
CA GLY C 448 15.39 -12.98 -11.64
C GLY C 448 16.57 -13.87 -11.88
N ALA C 449 17.74 -13.29 -11.60
CA ALA C 449 19.04 -13.95 -11.74
C ALA C 449 19.69 -13.89 -10.35
N ILE C 450 20.09 -15.06 -9.87
CA ILE C 450 20.70 -15.19 -8.55
C ILE C 450 22.06 -15.91 -8.64
N TYR C 451 23.03 -15.52 -7.82
CA TYR C 451 24.33 -16.17 -7.80
C TYR C 451 25.19 -16.00 -6.52
N THR C 452 25.83 -17.09 -6.12
CA THR C 452 26.71 -17.13 -4.95
C THR C 452 28.11 -16.65 -5.28
N VAL C 453 28.83 -16.11 -4.30
CA VAL C 453 30.20 -15.67 -4.50
C VAL C 453 30.86 -15.77 -3.14
N GLY C 454 31.24 -16.98 -2.77
CA GLY C 454 31.88 -17.21 -1.49
C GLY C 454 31.92 -18.70 -1.24
N SER C 455 30.78 -19.36 -1.48
CA SER C 455 30.68 -20.80 -1.28
C SER C 455 31.81 -21.54 -1.98
N PRO C 456 32.04 -22.79 -1.57
CA PRO C 456 33.10 -23.58 -2.19
C PRO C 456 32.57 -24.09 -3.52
N ILE C 457 31.26 -23.95 -3.68
CA ILE C 457 30.56 -24.44 -4.85
C ILE C 457 29.83 -23.39 -5.70
N ASP C 458 30.18 -22.11 -5.53
CA ASP C 458 29.57 -21.02 -6.27
C ASP C 458 28.68 -21.39 -7.48
N TYR C 459 27.39 -21.16 -7.34
CA TYR C 459 26.42 -21.49 -8.38
C TYR C 459 25.48 -20.34 -8.70
N GLY C 460 24.60 -20.56 -9.66
CA GLY C 460 23.63 -19.56 -10.07
C GLY C 460 22.25 -20.17 -10.13
N VAL C 461 21.22 -19.33 -10.18
CA VAL C 461 19.81 -19.76 -10.25
C VAL C 461 18.98 -18.81 -11.12
N ILE C 462 18.04 -19.38 -11.88
CA ILE C 462 17.11 -18.65 -12.76
C ILE C 462 15.74 -18.64 -12.05
N VAL C 463 15.27 -17.45 -11.67
CA VAL C 463 14.04 -17.32 -10.89
C VAL C 463 12.76 -16.82 -11.56
N ASP C 464 11.66 -17.50 -11.25
CA ASP C 464 10.34 -17.09 -11.74
C ASP C 464 9.33 -17.10 -10.59
N THR C 465 8.68 -15.96 -10.38
CA THR C 465 7.71 -15.77 -9.30
C THR C 465 6.31 -15.75 -9.89
N LYS C 466 5.34 -16.29 -9.16
CA LYS C 466 3.98 -16.30 -9.65
C LYS C 466 2.95 -16.08 -8.57
N ALA C 467 2.25 -14.95 -8.67
CA ALA C 467 1.21 -14.60 -7.70
C ALA C 467 -0.02 -15.33 -8.23
N TYR C 468 -0.53 -16.27 -7.47
CA TYR C 468 -1.68 -17.03 -7.91
C TYR C 468 -2.56 -17.26 -6.72
N SER C 469 -3.84 -16.98 -6.88
CA SER C 469 -4.80 -17.14 -5.81
C SER C 469 -5.09 -18.60 -5.44
N GLY C 470 -4.86 -18.92 -4.16
CA GLY C 470 -5.10 -20.25 -3.65
C GLY C 470 -4.74 -21.49 -4.45
N GLY C 471 -3.44 -21.72 -4.67
CA GLY C 471 -3.01 -22.92 -5.38
C GLY C 471 -2.23 -22.68 -6.65
N TYR C 472 -1.42 -23.66 -7.06
CA TYR C 472 -0.64 -23.51 -8.28
C TYR C 472 0.10 -24.78 -8.72
N ASN C 473 -0.36 -25.37 -9.83
CA ASN C 473 0.25 -26.55 -10.39
C ASN C 473 0.93 -26.05 -11.63
N LEU C 474 2.26 -25.96 -11.57
CA LEU C 474 3.03 -25.43 -12.68
C LEU C 474 2.56 -25.75 -14.11
N PRO C 475 1.83 -24.82 -14.74
CA PRO C 475 1.30 -24.95 -16.10
C PRO C 475 2.40 -25.22 -17.10
N ILE C 476 2.08 -26.02 -18.11
CA ILE C 476 3.06 -26.38 -19.14
C ILE C 476 3.64 -25.19 -19.91
N GLY C 477 2.77 -24.24 -20.26
CA GLY C 477 3.23 -23.08 -20.99
C GLY C 477 4.25 -22.24 -20.25
N GLN C 478 4.03 -22.10 -18.94
CA GLN C 478 4.92 -21.31 -18.10
C GLN C 478 6.17 -22.11 -17.82
N ALA C 479 5.99 -23.41 -17.57
CA ALA C 479 7.09 -24.30 -17.32
C ALA C 479 8.15 -24.23 -18.44
N ASP C 480 7.71 -24.35 -19.69
CA ASP C 480 8.64 -24.29 -20.82
C ASP C 480 9.37 -22.95 -20.98
N GLU C 481 8.71 -21.86 -20.56
CA GLU C 481 9.32 -20.54 -20.63
C GLU C 481 10.68 -20.63 -20.00
N MET C 482 10.70 -21.22 -18.81
CA MET C 482 11.95 -21.43 -18.11
C MET C 482 12.95 -22.22 -18.96
N GLN C 483 12.52 -23.35 -19.53
CA GLN C 483 13.36 -24.17 -20.40
C GLN C 483 14.08 -23.26 -21.40
N ARG C 484 13.31 -22.40 -22.05
CA ARG C 484 13.86 -21.45 -23.00
C ARG C 484 15.04 -20.67 -22.36
N TYR C 485 14.79 -20.06 -21.21
CA TYR C 485 15.85 -19.30 -20.52
C TYR C 485 17.01 -20.18 -20.07
N VAL C 486 16.68 -21.32 -19.47
CA VAL C 486 17.68 -22.28 -19.02
C VAL C 486 18.59 -22.53 -20.25
N GLU C 487 17.95 -22.81 -21.39
CA GLU C 487 18.65 -23.06 -22.64
C GLU C 487 19.47 -21.88 -23.12
N GLU C 488 18.90 -20.67 -23.13
CA GLU C 488 19.63 -19.45 -23.58
C GLU C 488 20.93 -19.22 -22.78
N ASN C 489 20.90 -19.54 -21.49
CA ASN C 489 22.05 -19.40 -20.58
C ASN C 489 23.21 -20.33 -20.99
N GLN C 490 22.92 -21.31 -21.85
CA GLN C 490 23.88 -22.28 -22.37
C GLN C 490 24.34 -21.73 -23.71
N THR C 491 23.42 -21.73 -24.66
CA THR C 491 23.74 -21.22 -25.98
C THR C 491 23.70 -19.71 -25.82
N ARG C 492 24.77 -19.11 -25.30
CA ARG C 492 24.74 -17.67 -25.11
C ARG C 492 24.87 -16.85 -26.39
N ASN C 493 24.18 -17.28 -27.44
CA ASN C 493 24.20 -16.61 -28.74
C ASN C 493 23.36 -15.34 -28.59
N LYS C 494 23.94 -14.20 -28.96
CA LYS C 494 23.23 -12.93 -28.89
C LYS C 494 22.23 -12.81 -30.01
N HIS C 495 22.23 -13.79 -30.92
CA HIS C 495 21.29 -13.81 -32.03
C HIS C 495 20.09 -14.60 -31.57
N ILE C 496 20.17 -15.00 -30.32
CA ILE C 496 19.08 -15.64 -29.64
C ILE C 496 19.10 -14.64 -28.48
N ASN C 497 17.92 -14.15 -28.10
CA ASN C 497 17.77 -13.19 -27.00
C ASN C 497 18.86 -12.13 -26.85
N PRO C 498 19.09 -11.29 -27.86
CA PRO C 498 20.13 -10.26 -27.77
C PRO C 498 20.15 -9.31 -26.59
N ASN C 499 19.30 -9.48 -25.57
CA ASN C 499 19.37 -8.58 -24.40
C ASN C 499 20.52 -9.07 -23.53
N GLU C 500 20.89 -10.32 -23.79
CA GLU C 500 21.98 -11.00 -23.11
C GLU C 500 21.87 -10.90 -21.62
N TRP C 501 20.74 -11.38 -21.11
CA TRP C 501 20.50 -11.37 -19.69
C TRP C 501 21.46 -12.30 -18.95
N TRP C 502 21.89 -13.38 -19.60
CA TRP C 502 22.83 -14.32 -18.96
C TRP C 502 24.04 -13.55 -18.45
N LYS C 503 24.40 -12.50 -19.15
CA LYS C 503 25.51 -11.62 -18.83
C LYS C 503 25.44 -11.04 -17.40
N VAL C 504 24.36 -11.30 -16.67
CA VAL C 504 24.23 -10.82 -15.29
C VAL C 504 25.15 -11.62 -14.35
N TYR C 505 25.40 -12.88 -14.70
CA TYR C 505 26.22 -13.80 -13.92
C TYR C 505 27.72 -13.60 -14.13
N PRO C 506 28.52 -13.95 -13.11
CA PRO C 506 29.96 -13.80 -13.27
C PRO C 506 30.32 -14.90 -14.28
N SER C 507 31.22 -14.57 -15.20
CA SER C 507 31.66 -15.49 -16.24
C SER C 507 31.95 -16.88 -15.66
N SER C 508 32.62 -16.85 -14.52
CA SER C 508 33.06 -18.01 -13.74
C SER C 508 32.01 -19.02 -13.27
N VAL C 509 30.72 -18.68 -13.35
CA VAL C 509 29.69 -19.61 -12.88
C VAL C 509 29.36 -20.64 -13.94
N THR C 510 29.06 -21.85 -13.49
CA THR C 510 28.78 -22.98 -14.37
C THR C 510 27.61 -23.82 -13.84
N GLU C 511 27.46 -23.83 -12.53
CA GLU C 511 26.43 -24.62 -11.87
C GLU C 511 25.16 -23.81 -11.82
N PHE C 512 24.18 -24.09 -12.68
CA PHE C 512 22.93 -23.32 -12.65
C PHE C 512 21.73 -24.14 -12.37
N LYS C 513 20.91 -23.64 -11.44
CA LYS C 513 19.68 -24.32 -11.05
C LYS C 513 18.52 -23.43 -11.50
N PHE C 514 17.34 -24.02 -11.65
CA PHE C 514 16.18 -23.22 -12.04
C PHE C 514 15.12 -23.32 -10.95
N LEU C 515 14.47 -22.21 -10.66
CA LEU C 515 13.50 -22.20 -9.57
C LEU C 515 12.23 -21.35 -9.77
N PHE C 516 11.11 -21.92 -9.30
CA PHE C 516 9.78 -21.31 -9.33
C PHE C 516 9.28 -21.00 -7.88
N VAL C 517 8.97 -19.72 -7.61
CA VAL C 517 8.47 -19.26 -6.29
C VAL C 517 7.00 -18.81 -6.37
N SER C 518 6.15 -19.39 -5.52
CA SER C 518 4.72 -19.05 -5.51
C SER C 518 4.09 -19.29 -4.15
N GLY C 519 2.78 -19.06 -4.09
CA GLY C 519 2.04 -19.25 -2.87
C GLY C 519 2.16 -20.68 -2.42
N HIS C 520 1.42 -21.57 -3.05
CA HIS C 520 1.44 -23.00 -2.72
C HIS C 520 1.50 -23.72 -4.07
N PHE C 521 2.05 -24.93 -4.10
CA PHE C 521 2.13 -25.70 -5.34
C PHE C 521 1.36 -27.02 -5.21
N LYS C 522 0.93 -27.58 -6.34
CA LYS C 522 0.18 -28.85 -6.34
C LYS C 522 0.36 -29.68 -7.63
N GLY C 523 0.36 -31.01 -7.48
CA GLY C 523 0.47 -31.97 -8.58
C GLY C 523 1.21 -31.84 -9.92
N ASN C 524 1.67 -30.66 -10.31
CA ASN C 524 2.35 -30.52 -11.59
C ASN C 524 3.81 -30.20 -11.36
N TYR C 525 4.06 -29.44 -10.30
CA TYR C 525 5.40 -29.00 -9.93
C TYR C 525 6.54 -30.03 -10.07
N LYS C 526 6.19 -31.32 -10.16
CA LYS C 526 7.21 -32.35 -10.34
C LYS C 526 7.28 -32.79 -11.80
N ALA C 527 6.12 -33.12 -12.38
CA ALA C 527 6.03 -33.60 -13.75
C ALA C 527 6.85 -32.80 -14.77
N GLN C 528 6.53 -31.52 -14.92
CA GLN C 528 7.24 -30.66 -15.87
C GLN C 528 8.60 -30.30 -15.34
N LEU C 529 8.79 -30.49 -14.04
CA LEU C 529 10.07 -30.19 -13.43
C LEU C 529 11.06 -31.23 -13.93
N THR C 530 10.78 -32.49 -13.63
CA THR C 530 11.62 -33.62 -14.01
C THR C 530 11.94 -33.52 -15.51
N ARG C 531 10.92 -33.13 -16.27
CA ARG C 531 11.01 -32.92 -17.70
C ARG C 531 12.17 -31.94 -18.00
N LEU C 532 12.02 -30.70 -17.52
CA LEU C 532 13.02 -29.64 -17.69
C LEU C 532 14.43 -30.11 -17.39
N ASN C 533 14.55 -30.79 -16.25
CA ASN C 533 15.81 -31.32 -15.74
C ASN C 533 16.48 -32.29 -16.68
N HIS C 534 15.69 -33.26 -17.15
CA HIS C 534 16.17 -34.29 -18.06
C HIS C 534 16.64 -33.69 -19.38
N ILE C 535 15.85 -32.77 -19.88
CA ILE C 535 16.11 -32.08 -21.14
C ILE C 535 17.37 -31.20 -21.21
N THR C 536 17.46 -30.19 -20.34
CA THR C 536 18.58 -29.26 -20.33
C THR C 536 19.75 -29.75 -19.47
N ASN C 537 19.48 -30.77 -18.68
CA ASN C 537 20.45 -31.35 -17.79
C ASN C 537 20.69 -30.40 -16.61
N CYS C 538 19.76 -29.49 -16.37
CA CYS C 538 19.87 -28.58 -15.25
C CYS C 538 18.75 -28.91 -14.25
N ASN C 539 19.15 -29.35 -13.05
CA ASN C 539 18.16 -29.66 -12.03
C ASN C 539 17.65 -28.41 -11.32
N GLY C 540 16.34 -28.36 -11.17
CA GLY C 540 15.72 -27.23 -10.51
C GLY C 540 14.72 -27.68 -9.47
N ALA C 541 13.98 -26.71 -8.94
CA ALA C 541 13.00 -26.99 -7.91
C ALA C 541 11.89 -25.96 -7.85
N VAL C 542 10.86 -26.30 -7.08
CA VAL C 542 9.67 -25.50 -6.86
C VAL C 542 9.69 -25.08 -5.37
N LEU C 543 9.45 -23.80 -5.05
CA LEU C 543 9.49 -23.30 -3.65
C LEU C 543 8.34 -22.36 -3.25
N SER C 544 7.80 -22.51 -2.04
CA SER C 544 6.70 -21.65 -1.57
C SER C 544 7.19 -20.48 -0.71
N VAL C 545 6.41 -19.41 -0.61
CA VAL C 545 6.82 -18.25 0.22
C VAL C 545 7.06 -18.55 1.68
N GLU C 546 6.19 -19.34 2.32
CA GLU C 546 6.41 -19.63 3.73
C GLU C 546 7.81 -20.21 3.95
N GLU C 547 8.20 -21.20 3.14
CA GLU C 547 9.53 -21.81 3.24
C GLU C 547 10.64 -20.83 2.86
N LEU C 548 10.37 -19.94 1.92
CA LEU C 548 11.35 -18.94 1.49
C LEU C 548 11.71 -18.15 2.76
N LEU C 549 10.69 -17.78 3.53
CA LEU C 549 10.89 -17.05 4.77
C LEU C 549 11.61 -17.87 5.85
N ILE C 550 11.07 -19.04 6.19
CA ILE C 550 11.69 -19.89 7.21
C ILE C 550 12.91 -20.60 6.65
N GLY C 551 13.65 -19.86 5.84
CA GLY C 551 14.87 -20.32 5.19
C GLY C 551 15.74 -19.09 5.36
N GLY C 552 15.11 -17.92 5.23
CA GLY C 552 15.77 -16.65 5.46
C GLY C 552 16.13 -16.56 6.93
N GLU C 553 15.29 -17.13 7.81
CA GLU C 553 15.61 -17.14 9.24
C GLU C 553 16.86 -17.99 9.41
N MET C 554 16.78 -19.25 8.97
CA MET C 554 17.90 -20.18 9.05
C MET C 554 19.20 -19.60 8.55
N ILE C 555 19.24 -19.08 7.33
CA ILE C 555 20.49 -18.50 6.84
C ILE C 555 21.03 -17.42 7.78
N LYS C 556 20.15 -16.76 8.55
CA LYS C 556 20.57 -15.67 9.46
C LYS C 556 21.00 -16.15 10.84
N ALA C 557 20.23 -17.10 11.35
CA ALA C 557 20.44 -17.72 12.65
C ALA C 557 21.76 -18.45 12.70
N GLY C 558 22.10 -19.12 11.60
CA GLY C 558 23.34 -19.89 11.55
C GLY C 558 22.94 -21.31 11.23
N THR C 559 21.67 -21.62 11.46
CA THR C 559 21.11 -22.94 11.19
C THR C 559 21.17 -23.45 9.71
N LEU C 560 21.38 -22.55 8.74
CA LEU C 560 21.47 -22.93 7.31
C LEU C 560 22.52 -22.16 6.49
N THR C 561 23.25 -22.91 5.67
CA THR C 561 24.28 -22.35 4.81
C THR C 561 23.66 -22.02 3.46
N LEU C 562 24.50 -21.71 2.49
CA LEU C 562 24.05 -21.46 1.14
C LEU C 562 24.60 -22.59 0.26
N GLU C 563 24.82 -23.74 0.88
CA GLU C 563 25.33 -24.92 0.18
C GLU C 563 24.27 -25.99 0.35
N GLU C 564 23.81 -26.19 1.58
CA GLU C 564 22.78 -27.19 1.81
C GLU C 564 21.58 -26.89 0.91
N VAL C 565 21.43 -25.61 0.57
CA VAL C 565 20.34 -25.14 -0.29
C VAL C 565 20.65 -25.46 -1.73
N ARG C 566 21.90 -25.27 -2.15
CA ARG C 566 22.27 -25.62 -3.52
C ARG C 566 22.04 -27.12 -3.67
N ARG C 567 22.13 -27.83 -2.57
CA ARG C 567 21.90 -29.25 -2.60
C ARG C 567 20.43 -29.56 -2.32
N LYS C 568 19.59 -28.54 -2.42
CA LYS C 568 18.15 -28.67 -2.19
C LYS C 568 17.34 -28.86 -3.48
N PHE C 569 17.90 -28.46 -4.63
CA PHE C 569 17.22 -28.59 -5.91
C PHE C 569 17.18 -30.07 -6.30
N ASN C 570 16.12 -30.72 -5.86
CA ASN C 570 15.88 -32.16 -6.06
C ASN C 570 14.81 -32.45 -7.11
N ASN C 571 14.55 -31.49 -8.00
CA ASN C 571 13.52 -31.63 -9.04
C ASN C 571 12.16 -31.87 -8.42
N GLY C 572 12.01 -31.34 -7.22
CA GLY C 572 10.79 -31.43 -6.47
C GLY C 572 10.63 -30.12 -5.70
N GLU C 573 9.82 -30.15 -4.64
CA GLU C 573 9.55 -28.98 -3.81
C GLU C 573 10.58 -28.88 -2.68
N ILE C 574 11.12 -27.68 -2.47
CA ILE C 574 12.10 -27.39 -1.43
C ILE C 574 11.38 -27.11 -0.12
N ASN C 575 11.89 -27.73 0.95
CA ASN C 575 11.35 -27.58 2.31
C ASN C 575 12.47 -27.63 3.35
N PHE C 576 12.61 -26.54 4.09
CA PHE C 576 13.64 -26.40 5.12
C PHE C 576 13.14 -26.85 6.48
#